data_5HDO
#
_entry.id   5HDO
#
_cell.length_a   99.830
_cell.length_b   99.830
_cell.length_c   127.330
_cell.angle_alpha   90.00
_cell.angle_beta   90.00
_cell.angle_gamma   90.00
#
_symmetry.space_group_name_H-M   'P 43 21 2'
#
loop_
_entity.id
_entity.type
_entity.pdbx_description
1 polymer 'Anti-HCV NS3/4A serine protease immoglobulin heavy chain'
2 non-polymer 'SULFATE ION'
3 non-polymer 'CHLORIDE ION'
4 water water
#
_entity_poly.entity_id   1
_entity_poly.type   'polypeptide(L)'
_entity_poly.pdbx_seq_one_letter_code
;QVQLQESGGGLVQAGGSLRLSCAASGFTLDSYAIGWFRQAPGKEREGVSCISASGGSTNYADSVKGRFTISRDNAKNTVY
LQMNSLKSEDTAVYYCAADHPGLCTSESGRRRYLEVWGQGTQVTVSSA
;
_entity_poly.pdbx_strand_id   A,B,C,D
#
loop_
_chem_comp.id
_chem_comp.type
_chem_comp.name
_chem_comp.formula
CL non-polymer 'CHLORIDE ION' 'Cl -1'
SO4 non-polymer 'SULFATE ION' 'O4 S -2'
#
# COMPACT_ATOMS: atom_id res chain seq x y z
N GLN A 1 -10.59 28.88 5.53
CA GLN A 1 -11.77 28.03 5.60
C GLN A 1 -12.16 27.39 4.26
N VAL A 2 -11.97 28.07 3.12
CA VAL A 2 -12.12 27.32 1.87
C VAL A 2 -10.91 26.39 1.85
N GLN A 3 -11.15 25.10 1.58
CA GLN A 3 -10.08 24.13 1.70
C GLN A 3 -10.31 22.90 0.81
N LEU A 4 -9.21 22.30 0.36
CA LEU A 4 -9.23 21.03 -0.37
C LEU A 4 -8.40 19.99 0.38
N GLN A 5 -8.91 18.78 0.48
CA GLN A 5 -8.19 17.71 1.14
C GLN A 5 -8.20 16.45 0.31
N GLU A 6 -7.00 15.92 0.04
CA GLU A 6 -6.86 14.71 -0.78
C GLU A 6 -6.78 13.46 0.06
N SER A 7 -7.26 12.34 -0.48
CA SER A 7 -7.08 11.04 0.14
C SER A 7 -7.03 9.95 -0.92
N GLY A 8 -6.73 8.72 -0.51
CA GLY A 8 -6.77 7.58 -1.42
C GLY A 8 -5.41 7.09 -1.89
N GLY A 9 -4.35 7.78 -1.49
CA GLY A 9 -3.01 7.33 -1.79
C GLY A 9 -2.73 6.01 -1.12
N GLY A 10 -1.70 5.33 -1.57
CA GLY A 10 -1.41 4.02 -1.04
C GLY A 10 -0.16 3.40 -1.65
N LEU A 11 0.10 2.17 -1.23
CA LEU A 11 1.24 1.39 -1.73
C LEU A 11 0.72 0.21 -2.55
N VAL A 12 1.03 0.23 -3.84
CA VAL A 12 0.42 -0.66 -4.78
C VAL A 12 1.50 -1.22 -5.72
N GLN A 13 1.31 -2.42 -6.27
CA GLN A 13 2.25 -2.98 -7.25
C GLN A 13 1.95 -2.45 -8.65
N ALA A 14 2.96 -2.45 -9.52
CA ALA A 14 2.77 -2.06 -10.90
C ALA A 14 1.60 -2.81 -11.52
N GLY A 15 0.74 -2.10 -12.24
CA GLY A 15 -0.45 -2.70 -12.83
C GLY A 15 -1.69 -2.58 -11.96
N GLY A 16 -1.53 -2.23 -10.68
CA GLY A 16 -2.66 -2.08 -9.79
C GLY A 16 -3.41 -0.77 -9.95
N SER A 17 -4.40 -0.53 -9.09
CA SER A 17 -5.24 0.66 -9.19
C SER A 17 -5.41 1.41 -7.87
N LEU A 18 -5.68 2.71 -7.97
CA LEU A 18 -6.08 3.51 -6.82
C LEU A 18 -7.21 4.45 -7.24
N ARG A 19 -7.98 4.97 -6.28
CA ARG A 19 -8.82 6.11 -6.61
C ARG A 19 -8.54 7.25 -5.65
N LEU A 20 -8.05 8.36 -6.17
CA LEU A 20 -7.78 9.52 -5.32
C LEU A 20 -9.04 10.36 -5.21
N SER A 21 -9.27 10.94 -4.02
CA SER A 21 -10.37 11.87 -3.79
C SER A 21 -9.87 13.26 -3.43
N CYS A 22 -10.48 14.26 -4.05
CA CYS A 22 -10.24 15.67 -3.75
C CYS A 22 -11.53 16.23 -3.16
N ALA A 23 -11.55 16.39 -1.84
CA ALA A 23 -12.77 16.80 -1.14
C ALA A 23 -12.68 18.25 -0.70
N ALA A 24 -13.69 19.02 -1.09
CA ALA A 24 -13.79 20.41 -0.70
C ALA A 24 -14.46 20.56 0.65
N SER A 25 -14.03 21.53 1.44
CA SER A 25 -14.75 21.88 2.65
C SER A 25 -14.72 23.39 2.86
N GLY A 26 -15.74 23.90 3.52
CA GLY A 26 -15.88 25.33 3.69
C GLY A 26 -16.38 26.05 2.44
N PHE A 27 -16.65 25.29 1.37
CA PHE A 27 -17.22 25.84 0.14
C PHE A 27 -17.65 24.68 -0.78
N THR A 28 -18.54 24.96 -1.73
CA THR A 28 -19.01 23.92 -2.63
C THR A 28 -18.27 24.03 -3.95
N LEU A 29 -17.80 22.92 -4.50
CA LEU A 29 -16.98 23.02 -5.69
C LEU A 29 -17.83 22.98 -6.97
N ASP A 30 -19.15 22.87 -6.78
CA ASP A 30 -20.11 22.57 -7.85
C ASP A 30 -19.97 23.39 -9.16
N SER A 31 -19.66 24.68 -9.03
CA SER A 31 -19.48 25.55 -10.19
C SER A 31 -18.01 25.78 -10.59
N TYR A 32 -17.09 25.02 -10.02
CA TYR A 32 -15.67 25.26 -10.27
C TYR A 32 -14.98 24.09 -10.96
N ALA A 33 -13.99 24.42 -11.79
CA ALA A 33 -13.10 23.44 -12.43
C ALA A 33 -12.03 22.97 -11.45
N ILE A 34 -11.74 21.66 -11.50
CA ILE A 34 -10.77 21.06 -10.57
C ILE A 34 -9.63 20.39 -11.32
N GLY A 35 -8.40 20.63 -10.87
CA GLY A 35 -7.24 19.97 -11.46
C GLY A 35 -6.48 19.12 -10.45
N TRP A 36 -5.80 18.09 -10.95
CA TRP A 36 -4.84 17.29 -10.22
C TRP A 36 -3.43 17.50 -10.76
N PHE A 37 -2.49 17.62 -9.82
CA PHE A 37 -1.06 17.76 -10.07
C PHE A 37 -0.31 16.69 -9.30
N ARG A 38 0.94 16.48 -9.66
CA ARG A 38 1.78 15.57 -8.90
C ARG A 38 3.24 16.03 -8.91
N GLN A 39 3.98 15.58 -7.90
CA GLN A 39 5.42 15.77 -7.83
C GLN A 39 6.07 14.42 -7.59
N ALA A 40 6.67 13.90 -8.66
CA ALA A 40 7.44 12.68 -8.61
C ALA A 40 8.78 13.03 -7.99
N PRO A 41 9.46 12.07 -7.36
CA PRO A 41 10.70 12.41 -6.66
C PRO A 41 11.78 12.99 -7.59
N GLY A 42 12.35 14.11 -7.16
CA GLY A 42 13.37 14.81 -7.93
C GLY A 42 12.87 15.40 -9.23
N LYS A 43 11.57 15.66 -9.32
CA LYS A 43 10.99 16.20 -10.55
C LYS A 43 10.21 17.47 -10.27
N GLU A 44 9.99 18.26 -11.32
CA GLU A 44 9.16 19.44 -11.19
C GLU A 44 7.68 19.04 -11.16
N ARG A 45 6.84 19.93 -10.63
CA ARG A 45 5.40 19.71 -10.59
C ARG A 45 4.85 19.41 -11.97
N GLU A 46 4.07 18.33 -12.07
CA GLU A 46 3.50 17.92 -13.34
C GLU A 46 1.98 17.98 -13.29
N GLY A 47 1.38 18.59 -14.30
CA GLY A 47 -0.07 18.60 -14.42
C GLY A 47 -0.56 17.22 -14.80
N VAL A 48 -1.58 16.73 -14.11
CA VAL A 48 -2.01 15.36 -14.32
C VAL A 48 -3.32 15.30 -15.06
N SER A 49 -4.29 16.05 -14.56
CA SER A 49 -5.62 15.97 -15.18
C SER A 49 -6.46 17.11 -14.71
N CYS A 50 -7.50 17.46 -15.46
CA CYS A 50 -8.48 18.41 -14.93
C CYS A 50 -9.86 18.15 -15.49
N ILE A 51 -10.86 18.66 -14.79
CA ILE A 51 -12.24 18.52 -15.22
C ILE A 51 -12.91 19.87 -15.07
N SER A 52 -13.79 20.18 -16.03
CA SER A 52 -14.42 21.49 -16.10
C SER A 52 -15.58 21.56 -15.11
N ALA A 53 -16.11 22.76 -14.90
CA ALA A 53 -17.20 22.94 -13.94
C ALA A 53 -18.37 22.01 -14.22
N SER A 54 -18.76 21.90 -15.50
CA SER A 54 -19.92 21.11 -15.89
C SER A 54 -19.63 19.62 -15.85
N GLY A 55 -18.35 19.26 -15.89
CA GLY A 55 -17.96 17.87 -16.04
C GLY A 55 -17.81 17.45 -17.50
N GLY A 56 -18.23 18.32 -18.41
CA GLY A 56 -18.25 18.00 -19.83
C GLY A 56 -16.91 17.96 -20.53
N SER A 57 -15.93 18.71 -20.01
CA SER A 57 -14.59 18.69 -20.58
C SER A 57 -13.60 18.15 -19.56
N THR A 58 -12.70 17.27 -20.04
CA THR A 58 -11.63 16.70 -19.22
C THR A 58 -10.32 16.73 -19.97
N ASN A 59 -9.23 17.00 -19.26
CA ASN A 59 -7.90 16.94 -19.85
C ASN A 59 -7.00 15.98 -19.09
N TYR A 60 -6.07 15.38 -19.84
CA TYR A 60 -5.09 14.45 -19.29
C TYR A 60 -3.71 14.71 -19.89
N ALA A 61 -2.67 14.65 -19.06
CA ALA A 61 -1.31 14.60 -19.57
C ALA A 61 -1.16 13.36 -20.45
N ASP A 62 -0.35 13.46 -21.50
CA ASP A 62 -0.18 12.35 -22.46
C ASP A 62 0.17 11.04 -21.76
N SER A 63 1.06 11.12 -20.78
CA SER A 63 1.56 9.94 -20.08
C SER A 63 0.50 9.17 -19.29
N VAL A 64 -0.66 9.77 -19.03
CA VAL A 64 -1.67 9.03 -18.26
C VAL A 64 -2.96 8.79 -19.04
N LYS A 65 -3.02 9.28 -20.28
CA LYS A 65 -4.20 9.05 -21.10
C LYS A 65 -4.51 7.56 -21.20
N GLY A 66 -5.79 7.23 -21.06
CA GLY A 66 -6.21 5.86 -21.14
C GLY A 66 -6.09 5.12 -19.82
N ARG A 67 -5.20 5.58 -18.93
CA ARG A 67 -5.01 4.88 -17.65
C ARG A 67 -5.78 5.57 -16.53
N PHE A 68 -5.79 6.91 -16.53
CA PHE A 68 -6.47 7.69 -15.49
C PHE A 68 -7.78 8.26 -16.00
N THR A 69 -8.77 8.31 -15.13
CA THR A 69 -10.05 8.93 -15.46
C THR A 69 -10.49 9.87 -14.34
N ILE A 70 -10.68 11.15 -14.68
CA ILE A 70 -11.17 12.13 -13.71
C ILE A 70 -12.71 12.26 -13.78
N SER A 71 -13.35 12.41 -12.63
CA SER A 71 -14.81 12.58 -12.58
C SER A 71 -15.21 13.44 -11.38
N ARG A 72 -16.43 13.97 -11.37
CA ARG A 72 -16.86 14.76 -10.22
C ARG A 72 -18.19 14.28 -9.66
N ASP A 73 -18.28 14.33 -8.33
CA ASP A 73 -19.53 14.11 -7.60
C ASP A 73 -19.86 15.38 -6.80
N ASN A 74 -20.71 16.21 -7.41
CA ASN A 74 -21.09 17.48 -6.81
C ASN A 74 -21.83 17.30 -5.51
N ALA A 75 -22.67 16.26 -5.45
CA ALA A 75 -23.43 15.96 -4.24
C ALA A 75 -22.48 15.69 -3.09
N LYS A 76 -21.38 14.99 -3.36
CA LYS A 76 -20.40 14.68 -2.32
C LYS A 76 -19.31 15.74 -2.21
N ASN A 77 -19.43 16.78 -3.02
CA ASN A 77 -18.44 17.85 -3.06
C ASN A 77 -17.04 17.33 -3.31
N THR A 78 -16.90 16.34 -4.19
CA THR A 78 -15.63 15.64 -4.33
C THR A 78 -15.31 15.42 -5.80
N VAL A 79 -14.03 15.43 -6.14
CA VAL A 79 -13.59 15.06 -7.50
C VAL A 79 -12.65 13.87 -7.38
N TYR A 80 -12.82 12.88 -8.27
CA TYR A 80 -12.07 11.63 -8.21
C TYR A 80 -11.08 11.52 -9.34
N LEU A 81 -9.94 10.88 -9.05
CA LEU A 81 -9.01 10.45 -10.07
C LEU A 81 -8.84 8.93 -9.97
N GLN A 82 -9.55 8.20 -10.83
CA GLN A 82 -9.35 6.76 -10.92
C GLN A 82 -8.03 6.51 -11.67
N MET A 83 -7.15 5.71 -11.10
CA MET A 83 -5.85 5.41 -11.69
C MET A 83 -5.73 3.92 -11.86
N ASN A 84 -5.78 3.44 -13.12
CA ASN A 84 -5.56 2.03 -13.41
C ASN A 84 -4.19 1.84 -14.02
N SER A 85 -3.76 0.59 -14.11
CA SER A 85 -2.52 0.25 -14.81
C SER A 85 -1.37 1.10 -14.33
N LEU A 86 -1.27 1.24 -13.00
CA LEU A 86 -0.26 2.10 -12.40
C LEU A 86 1.16 1.67 -12.74
N LYS A 87 2.01 2.66 -13.02
CA LYS A 87 3.40 2.39 -13.36
C LYS A 87 4.32 3.00 -12.34
N SER A 88 5.55 2.48 -12.31
CA SER A 88 6.59 2.93 -11.41
C SER A 88 6.73 4.44 -11.39
N GLU A 89 6.58 5.08 -12.55
CA GLU A 89 6.79 6.52 -12.64
C GLU A 89 5.54 7.32 -12.26
N ASP A 90 4.49 6.64 -11.82
CA ASP A 90 3.32 7.31 -11.27
C ASP A 90 3.52 7.58 -9.79
N THR A 91 4.64 7.10 -9.27
CA THR A 91 5.00 7.30 -7.88
C THR A 91 5.26 8.77 -7.62
N ALA A 92 4.47 9.36 -6.73
CA ALA A 92 4.52 10.81 -6.53
C ALA A 92 3.64 11.24 -5.39
N VAL A 93 3.75 12.51 -4.99
CA VAL A 93 2.70 13.10 -4.17
C VAL A 93 1.70 13.73 -5.14
N TYR A 94 0.41 13.54 -4.89
CA TYR A 94 -0.65 14.08 -5.73
C TYR A 94 -1.48 15.08 -4.98
N TYR A 95 -1.76 16.24 -5.58
CA TYR A 95 -2.64 17.18 -4.92
C TYR A 95 -3.53 17.93 -5.90
N CYS A 96 -4.70 18.36 -5.43
CA CYS A 96 -5.65 19.02 -6.32
C CYS A 96 -5.71 20.52 -6.12
N ALA A 97 -6.52 21.16 -6.95
CA ALA A 97 -6.56 22.61 -7.07
C ALA A 97 -7.91 22.99 -7.64
N ALA A 98 -8.46 24.09 -7.16
CA ALA A 98 -9.81 24.49 -7.57
C ALA A 98 -9.77 25.91 -8.12
N ASP A 99 -10.36 26.08 -9.30
CA ASP A 99 -10.59 27.40 -9.91
C ASP A 99 -9.36 28.25 -10.23
N HIS A 100 -8.43 27.65 -10.97
CA HIS A 100 -7.26 28.37 -11.48
C HIS A 100 -7.38 28.73 -12.95
N PRO A 101 -6.84 29.91 -13.33
CA PRO A 101 -6.90 30.34 -14.74
C PRO A 101 -6.29 29.30 -15.67
N GLY A 102 -7.01 28.97 -16.75
CA GLY A 102 -6.56 28.02 -17.75
C GLY A 102 -6.57 26.55 -17.33
N LEU A 103 -7.06 26.27 -16.13
CA LEU A 103 -7.14 24.89 -15.63
C LEU A 103 -8.55 24.34 -15.84
N CYS A 104 -8.79 23.82 -17.05
CA CYS A 104 -10.11 23.41 -17.51
C CYS A 104 -11.15 24.50 -17.33
N THR A 105 -10.71 25.75 -17.42
CA THR A 105 -11.61 26.89 -17.40
C THR A 105 -10.98 28.01 -18.21
N SER A 106 -11.72 29.10 -18.41
CA SER A 106 -11.21 30.28 -19.12
C SER A 106 -9.93 30.80 -18.47
N GLU A 107 -9.00 31.28 -19.29
CA GLU A 107 -7.70 31.75 -18.79
C GLU A 107 -7.85 33.13 -18.12
N SER A 108 -8.86 33.89 -18.53
CA SER A 108 -9.17 35.15 -17.86
C SER A 108 -10.68 35.32 -18.09
N GLY A 109 -11.44 35.33 -17.00
CA GLY A 109 -12.86 35.61 -17.05
C GLY A 109 -13.02 36.85 -16.20
N ARG A 110 -14.25 37.27 -15.97
CA ARG A 110 -14.52 38.43 -15.14
C ARG A 110 -14.10 38.19 -13.69
N ARG A 111 -14.71 37.17 -13.11
CA ARG A 111 -14.46 36.70 -11.74
C ARG A 111 -12.99 36.71 -11.28
N ARG A 112 -12.78 37.14 -10.04
CA ARG A 112 -11.56 36.79 -9.33
C ARG A 112 -11.53 35.26 -9.17
N TYR A 113 -10.39 34.67 -9.45
CA TYR A 113 -10.24 33.22 -9.30
C TYR A 113 -9.97 32.84 -7.85
N LEU A 114 -10.61 31.78 -7.38
CA LEU A 114 -10.37 31.26 -6.04
C LEU A 114 -8.94 30.76 -5.82
N GLU A 115 -8.42 30.04 -6.80
CA GLU A 115 -7.07 29.47 -6.74
C GLU A 115 -6.81 28.69 -5.44
N VAL A 116 -7.71 27.78 -5.09
CA VAL A 116 -7.52 26.96 -3.91
C VAL A 116 -6.54 25.84 -4.21
N TRP A 117 -5.67 25.53 -3.25
CA TRP A 117 -4.77 24.38 -3.36
C TRP A 117 -5.01 23.41 -2.21
N GLY A 118 -4.77 22.13 -2.47
CA GLY A 118 -4.90 21.12 -1.43
C GLY A 118 -3.60 20.91 -0.68
N GLN A 119 -3.36 19.69 -0.22
CA GLN A 119 -2.25 19.40 0.66
C GLN A 119 -1.41 18.25 0.14
N GLY A 120 -2.06 17.14 -0.20
CA GLY A 120 -1.39 16.02 -0.84
C GLY A 120 -1.77 14.65 -0.32
N THR A 121 -1.69 13.64 -1.21
CA THR A 121 -1.83 12.24 -0.82
C THR A 121 -0.76 11.48 -1.63
N GLN A 122 -0.14 10.46 -1.04
CA GLN A 122 1.03 9.85 -1.70
C GLN A 122 0.75 8.51 -2.37
N VAL A 123 1.26 8.38 -3.59
CA VAL A 123 1.16 7.14 -4.34
C VAL A 123 2.55 6.52 -4.51
N THR A 124 2.69 5.28 -4.07
CA THR A 124 3.90 4.51 -4.35
C THR A 124 3.56 3.26 -5.14
N VAL A 125 4.16 3.15 -6.32
CA VAL A 125 4.00 1.99 -7.19
C VAL A 125 5.31 1.20 -7.22
N SER A 126 5.30 0.00 -6.68
CA SER A 126 6.53 -0.79 -6.60
C SER A 126 6.73 -1.63 -7.86
N GLN B 1 -2.31 -25.17 -19.08
CA GLN B 1 -2.72 -25.32 -17.69
C GLN B 1 -3.77 -24.28 -17.33
N VAL B 2 -4.95 -24.73 -16.90
CA VAL B 2 -5.99 -23.79 -16.54
C VAL B 2 -5.61 -23.11 -15.22
N GLN B 3 -5.52 -21.78 -15.24
CA GLN B 3 -5.02 -21.04 -14.08
C GLN B 3 -5.76 -19.72 -13.88
N LEU B 4 -5.94 -19.33 -12.62
CA LEU B 4 -6.35 -17.96 -12.28
C LEU B 4 -5.25 -17.28 -11.47
N GLN B 5 -4.99 -16.02 -11.79
CA GLN B 5 -3.97 -15.26 -11.08
C GLN B 5 -4.52 -13.89 -10.66
N GLU B 6 -4.44 -13.58 -9.36
CA GLU B 6 -4.98 -12.33 -8.85
C GLU B 6 -3.90 -11.27 -8.71
N SER B 7 -4.30 -10.02 -8.89
CA SER B 7 -3.40 -8.88 -8.62
C SER B 7 -4.23 -7.67 -8.20
N GLY B 8 -3.56 -6.59 -7.83
CA GLY B 8 -4.22 -5.36 -7.46
C GLY B 8 -4.25 -5.10 -5.95
N GLY B 9 -3.82 -6.08 -5.17
CA GLY B 9 -3.75 -5.90 -3.73
C GLY B 9 -2.79 -4.79 -3.35
N GLY B 10 -2.91 -4.28 -2.14
CA GLY B 10 -2.04 -3.21 -1.70
C GLY B 10 -2.32 -2.70 -0.30
N LEU B 11 -1.66 -1.60 0.05
CA LEU B 11 -1.82 -0.99 1.35
C LEU B 11 -2.45 0.38 1.17
N VAL B 12 -3.57 0.57 1.83
CA VAL B 12 -4.44 1.69 1.55
C VAL B 12 -5.04 2.16 2.87
N GLN B 13 -5.37 3.45 2.99
CA GLN B 13 -6.01 3.93 4.21
C GLN B 13 -7.52 3.72 4.12
N ALA B 14 -8.18 3.62 5.27
CA ALA B 14 -9.62 3.48 5.30
C ALA B 14 -10.25 4.57 4.43
N GLY B 15 -11.27 4.22 3.66
CA GLY B 15 -11.89 5.16 2.75
C GLY B 15 -11.31 5.13 1.34
N GLY B 16 -10.14 4.53 1.18
CA GLY B 16 -9.51 4.47 -0.12
C GLY B 16 -10.04 3.37 -1.03
N SER B 17 -9.42 3.21 -2.20
CA SER B 17 -9.89 2.27 -3.21
C SER B 17 -8.80 1.36 -3.76
N LEU B 18 -9.21 0.19 -4.22
CA LEU B 18 -8.33 -0.70 -4.97
C LEU B 18 -9.13 -1.34 -6.09
N ARG B 19 -8.48 -1.84 -7.13
CA ARG B 19 -9.17 -2.71 -8.07
C ARG B 19 -8.41 -4.02 -8.18
N LEU B 20 -9.07 -5.11 -7.79
CA LEU B 20 -8.45 -6.42 -7.94
C LEU B 20 -8.74 -6.98 -9.33
N SER B 21 -7.74 -7.64 -9.92
CA SER B 21 -7.91 -8.35 -11.18
C SER B 21 -7.79 -9.84 -10.94
N CYS B 22 -8.68 -10.59 -11.57
CA CYS B 22 -8.65 -12.04 -11.64
C CYS B 22 -8.42 -12.42 -13.10
N ALA B 23 -7.19 -12.77 -13.44
CA ALA B 23 -6.84 -13.03 -14.82
C ALA B 23 -6.69 -14.52 -15.09
N ALA B 24 -7.44 -15.02 -16.05
CA ALA B 24 -7.30 -16.42 -16.44
C ALA B 24 -6.14 -16.59 -17.41
N SER B 25 -5.46 -17.73 -17.33
CA SER B 25 -4.55 -18.11 -18.41
C SER B 25 -4.69 -19.61 -18.67
N GLY B 26 -4.33 -20.02 -19.87
CA GLY B 26 -4.44 -21.42 -20.25
C GLY B 26 -5.86 -21.79 -20.64
N PHE B 27 -6.78 -20.85 -20.47
CA PHE B 27 -8.18 -21.00 -20.89
C PHE B 27 -8.86 -19.65 -20.93
N THR B 28 -9.98 -19.58 -21.64
CA THR B 28 -10.77 -18.35 -21.70
C THR B 28 -11.95 -18.45 -20.75
N LEU B 29 -12.22 -17.39 -19.99
CA LEU B 29 -13.27 -17.51 -18.97
C LEU B 29 -14.63 -17.02 -19.47
N ASP B 30 -14.74 -16.71 -20.76
CA ASP B 30 -15.95 -16.08 -21.34
C ASP B 30 -17.27 -16.76 -20.99
N SER B 31 -17.29 -18.09 -21.00
CA SER B 31 -18.53 -18.84 -20.78
C SER B 31 -18.68 -19.32 -19.34
N TYR B 32 -17.79 -18.88 -18.46
CA TYR B 32 -17.80 -19.34 -17.08
C TYR B 32 -18.12 -18.22 -16.10
N ALA B 33 -18.85 -18.56 -15.04
CA ALA B 33 -19.10 -17.63 -13.94
C ALA B 33 -17.87 -17.55 -13.01
N ILE B 34 -17.55 -16.35 -12.52
CA ILE B 34 -16.39 -16.16 -11.65
C ILE B 34 -16.80 -15.60 -10.29
N GLY B 35 -16.19 -16.09 -9.22
CA GLY B 35 -16.45 -15.59 -7.89
C GLY B 35 -15.19 -15.11 -7.20
N TRP B 36 -15.35 -14.13 -6.33
CA TRP B 36 -14.33 -13.64 -5.41
C TRP B 36 -14.65 -14.03 -3.97
N PHE B 37 -13.62 -14.52 -3.28
CA PHE B 37 -13.61 -14.91 -1.87
C PHE B 37 -12.50 -14.16 -1.14
N ARG B 38 -12.59 -14.10 0.18
CA ARG B 38 -11.50 -13.56 0.98
C ARG B 38 -11.33 -14.32 2.29
N GLN B 39 -10.14 -14.25 2.86
CA GLN B 39 -9.86 -14.79 4.19
C GLN B 39 -9.18 -13.71 5.00
N ALA B 40 -9.93 -13.20 5.98
CA ALA B 40 -9.46 -12.18 6.91
C ALA B 40 -8.70 -12.83 8.07
N PRO B 41 -7.88 -12.05 8.78
CA PRO B 41 -7.07 -12.63 9.86
C PRO B 41 -7.90 -13.41 10.89
N GLY B 42 -7.67 -14.73 10.94
CA GLY B 42 -8.31 -15.57 11.94
C GLY B 42 -9.81 -15.69 11.73
N LYS B 43 -10.23 -15.61 10.47
CA LYS B 43 -11.63 -15.81 10.13
C LYS B 43 -11.79 -16.84 9.04
N GLU B 44 -13.00 -17.38 8.91
CA GLU B 44 -13.30 -18.36 7.89
C GLU B 44 -13.43 -17.68 6.53
N ARG B 45 -13.18 -18.42 5.46
CA ARG B 45 -13.38 -17.91 4.12
C ARG B 45 -14.76 -17.27 4.00
N GLU B 46 -14.81 -16.13 3.32
CA GLU B 46 -16.05 -15.39 3.12
C GLU B 46 -16.30 -15.16 1.64
N GLY B 47 -17.50 -15.49 1.18
CA GLY B 47 -17.90 -15.21 -0.19
C GLY B 47 -18.08 -13.71 -0.34
N VAL B 48 -17.46 -13.14 -1.37
CA VAL B 48 -17.45 -11.68 -1.50
C VAL B 48 -18.36 -11.25 -2.62
N SER B 49 -18.16 -11.85 -3.79
CA SER B 49 -18.99 -11.46 -4.92
C SER B 49 -18.89 -12.49 -6.03
N CYS B 50 -19.84 -12.46 -6.97
CA CYS B 50 -19.68 -13.29 -8.15
C CYS B 50 -20.39 -12.68 -9.34
N ILE B 51 -19.96 -13.05 -10.53
CA ILE B 51 -20.57 -12.61 -11.77
C ILE B 51 -20.80 -13.79 -12.72
N SER B 52 -21.96 -13.80 -13.35
CA SER B 52 -22.36 -14.87 -14.26
C SER B 52 -21.61 -14.77 -15.58
N ALA B 53 -21.71 -15.82 -16.39
CA ALA B 53 -20.99 -15.89 -17.65
C ALA B 53 -21.33 -14.75 -18.61
N SER B 54 -22.61 -14.44 -18.73
CA SER B 54 -23.05 -13.39 -19.66
C SER B 54 -22.65 -12.01 -19.16
N GLY B 55 -22.21 -11.93 -17.91
CA GLY B 55 -21.93 -10.67 -17.26
C GLY B 55 -23.24 -9.99 -16.90
N GLY B 56 -24.32 -10.78 -16.95
CA GLY B 56 -25.66 -10.28 -16.75
C GLY B 56 -26.08 -10.30 -15.30
N SER B 57 -25.66 -11.33 -14.58
CA SER B 57 -26.05 -11.50 -13.19
C SER B 57 -24.88 -11.41 -12.21
N THR B 58 -25.05 -10.61 -11.17
CA THR B 58 -24.01 -10.41 -10.16
C THR B 58 -24.58 -10.54 -8.77
N ASN B 59 -23.78 -11.09 -7.85
CA ASN B 59 -24.13 -11.16 -6.42
C ASN B 59 -23.03 -10.58 -5.52
N TYR B 60 -23.44 -10.10 -4.35
CA TYR B 60 -22.53 -9.47 -3.40
C TYR B 60 -22.84 -9.90 -1.98
N ALA B 61 -21.81 -10.02 -1.14
CA ALA B 61 -22.03 -10.15 0.30
C ALA B 61 -22.68 -8.86 0.79
N ASP B 62 -23.47 -8.96 1.86
CA ASP B 62 -24.14 -7.79 2.44
C ASP B 62 -23.16 -6.73 2.92
N SER B 63 -22.03 -7.16 3.45
CA SER B 63 -21.08 -6.21 4.04
C SER B 63 -20.32 -5.40 2.99
N VAL B 64 -20.43 -5.76 1.72
CA VAL B 64 -19.72 -4.99 0.69
C VAL B 64 -20.63 -4.32 -0.34
N LYS B 65 -21.94 -4.54 -0.22
CA LYS B 65 -22.90 -3.91 -1.14
C LYS B 65 -22.73 -2.39 -1.15
N GLY B 66 -22.77 -1.80 -2.34
CA GLY B 66 -22.60 -0.37 -2.49
C GLY B 66 -21.14 0.07 -2.53
N ARG B 67 -20.24 -0.73 -1.97
CA ARG B 67 -18.83 -0.39 -1.92
C ARG B 67 -18.03 -1.10 -3.01
N PHE B 68 -18.28 -2.40 -3.16
CA PHE B 68 -17.57 -3.24 -4.15
C PHE B 68 -18.41 -3.44 -5.40
N THR B 69 -17.74 -3.47 -6.55
CA THR B 69 -18.38 -3.69 -7.84
C THR B 69 -17.60 -4.69 -8.67
N ILE B 70 -18.23 -5.82 -9.00
CA ILE B 70 -17.59 -6.83 -9.84
C ILE B 70 -17.92 -6.58 -11.31
N SER B 71 -16.95 -6.84 -12.20
CA SER B 71 -17.20 -6.71 -13.63
C SER B 71 -16.31 -7.64 -14.46
N ARG B 72 -16.55 -7.61 -15.76
CA ARG B 72 -16.07 -8.62 -16.69
C ARG B 72 -15.40 -7.96 -17.89
N ASP B 73 -14.27 -8.48 -18.31
CA ASP B 73 -13.66 -8.07 -19.57
C ASP B 73 -13.15 -9.32 -20.28
N ASN B 74 -14.01 -9.87 -21.12
CA ASN B 74 -13.74 -11.12 -21.83
C ASN B 74 -12.57 -11.00 -22.79
N ALA B 75 -12.43 -9.84 -23.42
CA ALA B 75 -11.33 -9.64 -24.36
C ALA B 75 -10.00 -9.63 -23.63
N LYS B 76 -10.03 -9.17 -22.39
CA LYS B 76 -8.82 -9.17 -21.56
C LYS B 76 -8.75 -10.43 -20.71
N ASN B 77 -9.77 -11.27 -20.82
CA ASN B 77 -9.82 -12.55 -20.12
C ASN B 77 -9.71 -12.35 -18.62
N THR B 78 -10.36 -11.32 -18.11
CA THR B 78 -10.19 -10.89 -16.72
C THR B 78 -11.50 -10.50 -16.08
N VAL B 79 -11.62 -10.76 -14.77
CA VAL B 79 -12.74 -10.25 -14.00
C VAL B 79 -12.21 -9.28 -12.94
N TYR B 80 -12.86 -8.15 -12.75
CA TYR B 80 -12.39 -7.14 -11.81
C TYR B 80 -13.28 -7.02 -10.58
N LEU B 81 -12.67 -6.61 -9.48
CA LEU B 81 -13.40 -6.23 -8.29
C LEU B 81 -12.97 -4.82 -7.86
N GLN B 82 -13.77 -3.82 -8.22
CA GLN B 82 -13.53 -2.45 -7.76
C GLN B 82 -13.94 -2.37 -6.30
N MET B 83 -13.04 -1.91 -5.45
CA MET B 83 -13.33 -1.81 -4.04
C MET B 83 -13.20 -0.37 -3.58
N ASN B 84 -14.33 0.29 -3.37
CA ASN B 84 -14.35 1.65 -2.82
C ASN B 84 -14.68 1.66 -1.33
N SER B 85 -14.46 2.81 -0.69
CA SER B 85 -14.79 3.01 0.72
C SER B 85 -14.30 1.85 1.56
N LEU B 86 -13.02 1.51 1.41
CA LEU B 86 -12.46 0.36 2.11
C LEU B 86 -12.42 0.57 3.61
N LYS B 87 -12.74 -0.49 4.36
CA LYS B 87 -12.73 -0.47 5.81
C LYS B 87 -11.68 -1.44 6.33
N SER B 88 -11.33 -1.31 7.60
CA SER B 88 -10.26 -2.12 8.18
C SER B 88 -10.63 -3.62 8.15
N GLU B 89 -11.92 -3.93 8.21
CA GLU B 89 -12.34 -5.32 8.16
C GLU B 89 -12.31 -5.88 6.75
N ASP B 90 -11.96 -5.06 5.76
CA ASP B 90 -11.73 -5.57 4.41
C ASP B 90 -10.30 -6.11 4.27
N THR B 91 -9.49 -5.95 5.30
CA THR B 91 -8.12 -6.46 5.28
C THR B 91 -8.15 -7.97 5.19
N ALA B 92 -7.56 -8.54 4.14
CA ALA B 92 -7.66 -9.99 3.91
C ALA B 92 -6.84 -10.42 2.72
N VAL B 93 -6.70 -11.74 2.54
CA VAL B 93 -6.26 -12.23 1.23
C VAL B 93 -7.51 -12.46 0.38
N TYR B 94 -7.46 -12.01 -0.87
CA TYR B 94 -8.57 -12.19 -1.79
C TYR B 94 -8.19 -13.16 -2.89
N TYR B 95 -9.06 -14.10 -3.21
CA TYR B 95 -8.83 -14.94 -4.39
C TYR B 95 -10.10 -15.23 -5.15
N CYS B 96 -9.95 -15.50 -6.44
CA CYS B 96 -11.08 -15.77 -7.29
C CYS B 96 -11.19 -17.26 -7.66
N ALA B 97 -12.27 -17.59 -8.35
CA ALA B 97 -12.67 -18.96 -8.61
C ALA B 97 -13.54 -18.99 -9.86
N ALA B 98 -13.35 -20.02 -10.69
CA ALA B 98 -14.09 -20.11 -11.95
C ALA B 98 -14.88 -21.41 -12.01
N ASP B 99 -16.17 -21.28 -12.30
CA ASP B 99 -17.06 -22.40 -12.58
C ASP B 99 -17.36 -23.41 -11.47
N HIS B 100 -17.64 -22.88 -10.28
CA HIS B 100 -18.11 -23.67 -9.16
C HIS B 100 -19.63 -23.74 -9.00
N PRO B 101 -20.14 -24.91 -8.62
CA PRO B 101 -21.59 -25.13 -8.43
C PRO B 101 -22.22 -24.12 -7.46
N GLY B 102 -23.29 -23.46 -7.89
CA GLY B 102 -23.98 -22.48 -7.07
C GLY B 102 -23.33 -21.10 -7.06
N LEU B 103 -22.17 -20.97 -7.69
CA LEU B 103 -21.42 -19.72 -7.67
C LEU B 103 -21.74 -18.90 -8.91
N CYS B 104 -22.83 -18.13 -8.82
CA CYS B 104 -23.42 -17.38 -9.95
C CYS B 104 -23.67 -18.27 -11.15
N THR B 105 -24.02 -19.52 -10.86
CA THR B 105 -24.36 -20.48 -11.89
C THR B 105 -25.17 -21.60 -11.26
N SER B 106 -25.82 -22.40 -12.09
CA SER B 106 -26.59 -23.56 -11.63
C SER B 106 -25.79 -24.43 -10.66
N GLU B 107 -26.47 -25.01 -9.67
CA GLU B 107 -25.78 -25.83 -8.68
C GLU B 107 -25.66 -27.28 -9.14
N SER B 108 -26.41 -27.63 -10.18
CA SER B 108 -26.41 -29.00 -10.68
C SER B 108 -26.62 -28.75 -12.17
N GLY B 109 -25.59 -29.05 -12.96
CA GLY B 109 -25.70 -28.99 -14.40
C GLY B 109 -25.09 -30.33 -14.78
N ARG B 110 -25.47 -30.86 -15.95
CA ARG B 110 -24.96 -32.16 -16.35
C ARG B 110 -23.47 -32.11 -16.69
N ARG B 111 -22.96 -30.90 -16.87
CA ARG B 111 -21.52 -30.66 -17.08
C ARG B 111 -20.68 -31.01 -15.84
N ARG B 112 -19.43 -31.41 -16.07
CA ARG B 112 -18.45 -31.44 -15.00
C ARG B 112 -17.93 -30.01 -14.78
N TYR B 113 -17.92 -29.56 -13.53
CA TYR B 113 -17.47 -28.19 -13.26
C TYR B 113 -15.94 -28.10 -13.26
N LEU B 114 -15.43 -26.99 -13.76
CA LEU B 114 -13.98 -26.76 -13.77
C LEU B 114 -13.45 -26.61 -12.34
N GLU B 115 -14.18 -25.85 -11.54
CA GLU B 115 -13.78 -25.57 -10.16
C GLU B 115 -12.32 -25.08 -10.06
N VAL B 116 -11.98 -24.11 -10.89
CA VAL B 116 -10.67 -23.48 -10.83
C VAL B 116 -10.58 -22.56 -9.61
N TRP B 117 -9.47 -22.63 -8.89
CA TRP B 117 -9.14 -21.67 -7.83
C TRP B 117 -7.92 -20.88 -8.21
N GLY B 118 -7.89 -19.61 -7.81
CA GLY B 118 -6.73 -18.77 -8.00
C GLY B 118 -5.74 -18.97 -6.87
N GLN B 119 -5.02 -17.90 -6.52
CA GLN B 119 -3.89 -18.02 -5.61
C GLN B 119 -3.96 -16.98 -4.50
N GLY B 120 -4.23 -15.74 -4.87
CA GLY B 120 -4.48 -14.70 -3.88
C GLY B 120 -3.68 -13.43 -4.05
N THR B 121 -4.31 -12.32 -3.66
CA THR B 121 -3.69 -11.01 -3.63
C THR B 121 -4.10 -10.38 -2.30
N GLN B 122 -3.19 -9.66 -1.66
CA GLN B 122 -3.46 -9.23 -0.29
C GLN B 122 -3.86 -7.76 -0.19
N VAL B 123 -4.85 -7.49 0.65
CA VAL B 123 -5.34 -6.13 0.88
C VAL B 123 -5.16 -5.77 2.35
N THR B 124 -4.47 -4.66 2.60
CA THR B 124 -4.36 -4.15 3.96
C THR B 124 -4.91 -2.71 4.04
N VAL B 125 -5.90 -2.53 4.90
CA VAL B 125 -6.54 -1.25 5.11
C VAL B 125 -6.15 -0.71 6.50
N SER B 126 -5.39 0.37 6.53
CA SER B 126 -4.88 0.90 7.79
C SER B 126 -5.86 1.90 8.42
N SER B 127 -5.94 1.86 9.74
CA SER B 127 -6.88 2.69 10.48
C SER B 127 -6.16 3.76 11.31
N GLN C 1 -8.42 4.37 24.69
CA GLN C 1 -7.65 4.00 23.50
C GLN C 1 -6.42 4.90 23.31
N VAL C 2 -5.21 4.35 23.50
CA VAL C 2 -4.00 5.16 23.37
C VAL C 2 -3.74 5.50 21.89
N GLN C 3 -3.55 6.78 21.63
CA GLN C 3 -3.43 7.25 20.25
C GLN C 3 -2.56 8.48 20.13
N LEU C 4 -1.98 8.65 18.94
CA LEU C 4 -1.29 9.88 18.56
C LEU C 4 -1.91 10.43 17.28
N GLN C 5 -2.08 11.75 17.23
CA GLN C 5 -2.59 12.40 16.02
C GLN C 5 -1.68 13.55 15.61
N GLU C 6 -1.15 13.47 14.39
CA GLU C 6 -0.33 14.52 13.80
C GLU C 6 -1.19 15.56 13.12
N SER C 7 -0.76 16.82 13.18
CA SER C 7 -1.40 17.88 12.42
C SER C 7 -0.37 18.95 12.08
N GLY C 8 -0.76 19.93 11.27
CA GLY C 8 0.11 21.04 10.94
C GLY C 8 0.79 20.92 9.59
N GLY C 9 0.60 19.78 8.92
CA GLY C 9 1.19 19.60 7.60
C GLY C 9 0.58 20.55 6.57
N GLY C 10 1.16 20.56 5.38
CA GLY C 10 0.61 21.40 4.32
C GLY C 10 1.43 21.43 3.05
N LEU C 11 0.86 22.10 2.05
CA LEU C 11 1.56 22.41 0.82
C LEU C 11 2.21 23.78 0.95
N VAL C 12 3.52 23.83 0.82
CA VAL C 12 4.26 25.05 1.09
C VAL C 12 5.42 25.17 0.11
N GLN C 13 5.83 26.39 -0.21
CA GLN C 13 6.93 26.57 -1.15
C GLN C 13 8.29 26.32 -0.52
N ALA C 14 9.24 25.89 -1.34
CA ALA C 14 10.61 25.68 -0.88
C ALA C 14 11.15 26.94 -0.20
N GLY C 15 11.91 26.75 0.87
CA GLY C 15 12.38 27.88 1.67
C GLY C 15 11.42 28.21 2.80
N GLY C 16 10.18 27.74 2.68
CA GLY C 16 9.15 28.02 3.67
C GLY C 16 9.27 27.20 4.95
N SER C 17 8.31 27.42 5.84
CA SER C 17 8.30 26.82 7.18
C SER C 17 6.97 26.13 7.48
N LEU C 18 7.02 25.12 8.35
CA LEU C 18 5.81 24.50 8.89
C LEU C 18 6.04 24.08 10.33
N ARG C 19 4.97 23.96 11.10
CA ARG C 19 5.10 23.46 12.46
C ARG C 19 4.16 22.30 12.68
N LEU C 20 4.71 21.10 12.84
CA LEU C 20 3.91 19.90 13.08
C LEU C 20 3.62 19.69 14.56
N SER C 21 2.41 19.24 14.86
CA SER C 21 2.06 18.85 16.22
C SER C 21 1.74 17.38 16.26
N CYS C 22 2.11 16.75 17.36
CA CYS C 22 1.83 15.36 17.63
C CYS C 22 1.11 15.31 18.98
N ALA C 23 -0.20 15.09 18.95
CA ALA C 23 -1.00 15.17 20.17
C ALA C 23 -1.44 13.77 20.61
N ALA C 24 -1.18 13.46 21.87
CA ALA C 24 -1.59 12.16 22.41
C ALA C 24 -3.02 12.25 22.91
N SER C 25 -3.75 11.15 22.81
CA SER C 25 -5.06 11.05 23.47
C SER C 25 -5.22 9.64 24.05
N GLY C 26 -5.99 9.54 25.14
CA GLY C 26 -6.20 8.26 25.81
C GLY C 26 -5.03 7.89 26.72
N PHE C 27 -3.97 8.69 26.69
CA PHE C 27 -2.83 8.51 27.59
C PHE C 27 -2.00 9.78 27.63
N THR C 28 -1.15 9.87 28.64
CA THR C 28 -0.30 11.04 28.82
C THR C 28 1.13 10.74 28.36
N LEU C 29 1.79 11.74 27.78
CA LEU C 29 3.12 11.57 27.18
C LEU C 29 4.24 11.51 28.19
N ASP C 30 3.94 11.93 29.41
CA ASP C 30 4.91 12.00 30.50
C ASP C 30 5.66 10.69 30.71
N SER C 31 6.98 10.80 30.81
CA SER C 31 7.91 9.69 31.00
C SER C 31 8.11 8.87 29.73
N TYR C 32 7.50 9.31 28.63
CA TYR C 32 7.75 8.65 27.34
C TYR C 32 8.54 9.51 26.37
N ALA C 33 9.51 8.90 25.71
CA ALA C 33 10.25 9.55 24.63
C ALA C 33 9.41 9.53 23.34
N ILE C 34 9.51 10.59 22.55
CA ILE C 34 8.72 10.69 21.32
C ILE C 34 9.61 10.97 20.12
N GLY C 35 9.33 10.32 19.00
CA GLY C 35 10.07 10.52 17.78
C GLY C 35 9.19 10.93 16.61
N TRP C 36 9.81 11.63 15.66
CA TRP C 36 9.23 11.93 14.36
C TRP C 36 9.93 11.12 13.28
N PHE C 37 9.12 10.55 12.40
CA PHE C 37 9.54 9.77 11.23
C PHE C 37 8.89 10.36 9.98
N ARG C 38 9.43 10.03 8.81
CA ARG C 38 8.75 10.44 7.58
C ARG C 38 8.89 9.38 6.51
N GLN C 39 7.94 9.39 5.58
CA GLN C 39 7.99 8.47 4.46
C GLN C 39 7.61 9.22 3.20
N ALA C 40 8.59 9.33 2.30
CA ALA C 40 8.43 10.01 1.01
C ALA C 40 8.00 9.00 -0.05
N PRO C 41 7.35 9.46 -1.12
CA PRO C 41 6.95 8.53 -2.18
C PRO C 41 8.11 7.65 -2.66
N GLY C 42 7.90 6.34 -2.70
CA GLY C 42 8.88 5.42 -3.24
C GLY C 42 10.11 5.23 -2.38
N LYS C 43 10.05 5.67 -1.13
CA LYS C 43 11.16 5.50 -0.21
C LYS C 43 10.71 4.79 1.06
N GLU C 44 11.67 4.29 1.82
CA GLU C 44 11.34 3.62 3.07
C GLU C 44 11.25 4.68 4.18
N ARG C 45 10.45 4.38 5.20
CA ARG C 45 10.30 5.25 6.35
C ARG C 45 11.67 5.51 6.97
N GLU C 46 11.93 6.77 7.32
CA GLU C 46 13.20 7.10 7.97
C GLU C 46 12.99 7.97 9.20
N GLY C 47 13.90 7.84 10.16
CA GLY C 47 13.88 8.63 11.37
C GLY C 47 14.21 10.07 11.09
N VAL C 48 13.47 10.99 11.72
CA VAL C 48 13.69 12.41 11.50
C VAL C 48 14.24 13.03 12.76
N SER C 49 13.59 12.78 13.89
CA SER C 49 14.03 13.45 15.11
C SER C 49 13.48 12.72 16.31
N CYS C 50 14.09 12.92 17.48
CA CYS C 50 13.44 12.40 18.68
C CYS C 50 13.80 13.22 19.90
N ILE C 51 13.00 13.08 20.93
CA ILE C 51 13.18 13.80 22.18
C ILE C 51 12.91 12.84 23.34
N SER C 52 13.70 12.98 24.39
CA SER C 52 13.61 12.12 25.56
C SER C 52 12.41 12.50 26.42
N ALA C 53 12.01 11.59 27.29
CA ALA C 53 10.92 11.82 28.22
C ALA C 53 10.99 13.19 28.91
N SER C 54 12.13 13.49 29.52
CA SER C 54 12.31 14.74 30.24
C SER C 54 12.43 15.94 29.30
N GLY C 55 12.82 15.67 28.05
CA GLY C 55 13.07 16.72 27.09
C GLY C 55 14.51 17.19 27.12
N GLY C 56 15.29 16.59 28.02
CA GLY C 56 16.68 16.99 28.22
C GLY C 56 17.62 16.62 27.09
N SER C 57 17.20 15.64 26.28
CA SER C 57 18.01 15.15 25.16
C SER C 57 17.20 15.14 23.88
N THR C 58 17.84 15.52 22.77
CA THR C 58 17.22 15.46 21.45
C THR C 58 18.18 14.89 20.43
N ASN C 59 17.62 14.31 19.37
CA ASN C 59 18.41 13.78 18.26
C ASN C 59 17.78 14.15 16.93
N TYR C 60 18.60 14.24 15.88
CA TYR C 60 18.14 14.59 14.54
C TYR C 60 18.90 13.78 13.50
N ALA C 61 18.22 13.42 12.40
CA ALA C 61 18.91 12.91 11.23
C ALA C 61 19.81 14.01 10.68
N ASP C 62 20.91 13.62 10.04
CA ASP C 62 21.89 14.56 9.50
C ASP C 62 21.26 15.55 8.51
N SER C 63 20.34 15.06 7.69
CA SER C 63 19.75 15.89 6.63
C SER C 63 18.89 17.03 7.15
N VAL C 64 18.49 16.98 8.43
CA VAL C 64 17.55 17.98 8.92
C VAL C 64 18.09 18.74 10.14
N LYS C 65 19.27 18.34 10.60
CA LYS C 65 19.94 19.09 11.65
C LYS C 65 20.16 20.50 11.12
N GLY C 66 19.89 21.49 11.95
CA GLY C 66 20.06 22.87 11.54
C GLY C 66 18.78 23.54 11.09
N ARG C 67 17.85 22.73 10.57
CA ARG C 67 16.61 23.27 10.03
C ARG C 67 15.38 22.91 10.88
N PHE C 68 15.40 21.70 11.44
CA PHE C 68 14.24 21.20 12.21
C PHE C 68 14.56 21.24 13.70
N THR C 69 13.55 21.54 14.52
CA THR C 69 13.72 21.54 15.97
C THR C 69 12.57 20.80 16.64
N ILE C 70 12.90 19.79 17.44
CA ILE C 70 11.88 19.04 18.17
C ILE C 70 11.69 19.63 19.58
N SER C 71 10.46 19.61 20.08
CA SER C 71 10.20 20.14 21.42
C SER C 71 8.96 19.48 22.03
N ARG C 72 8.75 19.62 23.33
CA ARG C 72 7.57 19.02 23.95
C ARG C 72 6.92 19.93 24.99
N ASP C 73 5.59 19.93 25.01
CA ASP C 73 4.77 20.56 26.03
C ASP C 73 3.96 19.45 26.71
N ASN C 74 4.46 19.00 27.87
CA ASN C 74 3.81 17.91 28.60
C ASN C 74 2.43 18.30 29.10
N ALA C 75 2.26 19.56 29.51
CA ALA C 75 0.95 20.06 29.95
C ALA C 75 -0.12 19.82 28.88
N LYS C 76 0.21 20.08 27.63
CA LYS C 76 -0.72 19.86 26.53
C LYS C 76 -0.56 18.49 25.87
N ASN C 77 0.22 17.61 26.50
CA ASN C 77 0.58 16.30 25.95
C ASN C 77 0.85 16.31 24.45
N THR C 78 1.71 17.23 24.04
CA THR C 78 1.94 17.44 22.63
C THR C 78 3.43 17.65 22.34
N VAL C 79 3.91 17.04 21.27
CA VAL C 79 5.30 17.22 20.82
C VAL C 79 5.28 17.97 19.49
N TYR C 80 6.17 18.93 19.31
CA TYR C 80 6.22 19.72 18.09
C TYR C 80 7.48 19.47 17.27
N LEU C 81 7.33 19.61 15.95
CA LEU C 81 8.46 19.67 15.05
C LEU C 81 8.42 20.98 14.26
N GLN C 82 9.33 21.89 14.51
CA GLN C 82 9.41 23.10 13.76
C GLN C 82 10.28 22.76 12.58
N MET C 83 9.82 23.02 11.36
CA MET C 83 10.58 22.71 10.14
C MET C 83 10.75 23.99 9.37
N ASN C 84 12.00 24.40 9.16
CA ASN C 84 12.35 25.61 8.42
C ASN C 84 13.23 25.33 7.22
N SER C 85 13.34 26.29 6.31
CA SER C 85 14.17 26.12 5.12
C SER C 85 13.81 24.82 4.42
N LEU C 86 12.52 24.66 4.14
CA LEU C 86 12.00 23.42 3.57
C LEU C 86 12.54 23.15 2.17
N LYS C 87 12.97 21.91 1.95
CA LYS C 87 13.51 21.46 0.67
C LYS C 87 12.61 20.41 0.04
N SER C 88 12.75 20.23 -1.27
CA SER C 88 11.94 19.28 -2.00
C SER C 88 12.04 17.87 -1.43
N GLU C 89 13.22 17.52 -0.93
CA GLU C 89 13.44 16.19 -0.37
C GLU C 89 12.76 16.01 0.99
N ASP C 90 12.18 17.10 1.53
CA ASP C 90 11.44 17.05 2.78
C ASP C 90 9.99 16.58 2.58
N THR C 91 9.56 16.52 1.32
CA THR C 91 8.21 16.09 0.98
C THR C 91 8.00 14.66 1.47
N ALA C 92 6.95 14.43 2.25
CA ALA C 92 6.70 13.13 2.87
C ALA C 92 5.46 13.15 3.77
N VAL C 93 4.96 11.97 4.13
CA VAL C 93 4.05 11.88 5.26
C VAL C 93 4.86 11.82 6.55
N TYR C 94 4.57 12.71 7.49
CA TYR C 94 5.29 12.72 8.78
C TYR C 94 4.45 12.06 9.87
N TYR C 95 5.06 11.11 10.59
CA TYR C 95 4.41 10.35 11.65
C TYR C 95 5.11 10.58 12.98
N CYS C 96 4.38 10.65 14.08
CA CYS C 96 5.05 10.58 15.36
C CYS C 96 4.87 9.21 16.00
N ALA C 97 5.72 8.94 16.98
CA ALA C 97 5.86 7.61 17.57
C ALA C 97 6.22 7.76 19.03
N ALA C 98 5.55 7.00 19.89
CA ALA C 98 5.76 7.14 21.33
C ALA C 98 6.27 5.84 21.90
N ASP C 99 7.36 5.94 22.67
CA ASP C 99 7.96 4.83 23.39
C ASP C 99 8.46 3.61 22.62
N HIS C 100 9.29 3.86 21.62
CA HIS C 100 10.01 2.82 20.89
C HIS C 100 11.46 2.58 21.33
N PRO C 101 11.90 1.31 21.29
CA PRO C 101 13.25 0.93 21.73
C PRO C 101 14.33 1.71 20.98
N GLY C 102 15.29 2.25 21.71
CA GLY C 102 16.40 2.99 21.12
C GLY C 102 16.05 4.38 20.60
N LEU C 103 14.75 4.71 20.60
CA LEU C 103 14.28 6.00 20.10
C LEU C 103 14.34 7.06 21.20
N CYS C 104 15.52 7.66 21.39
CA CYS C 104 15.79 8.57 22.51
C CYS C 104 15.42 7.96 23.87
N THR C 105 15.66 6.67 24.05
CA THR C 105 15.37 6.00 25.32
C THR C 105 15.99 4.60 25.42
N SER C 106 16.26 4.17 26.65
CA SER C 106 16.61 2.79 27.01
C SER C 106 16.94 2.70 28.49
N ARG C 110 14.35 -4.08 28.83
CA ARG C 110 13.74 -4.91 29.85
C ARG C 110 12.22 -4.86 29.78
N ARG C 111 11.67 -3.66 29.97
CA ARG C 111 10.23 -3.43 29.98
C ARG C 111 9.56 -3.70 28.64
N ARG C 112 8.24 -3.50 28.60
CA ARG C 112 7.49 -3.60 27.37
C ARG C 112 7.22 -2.20 26.82
N TYR C 113 7.58 -1.96 25.57
CA TYR C 113 7.43 -0.65 24.98
C TYR C 113 6.04 -0.50 24.40
N LEU C 114 5.47 0.70 24.52
CA LEU C 114 4.13 0.97 24.02
C LEU C 114 4.08 0.88 22.50
N GLU C 115 5.12 1.40 21.86
CA GLU C 115 5.23 1.42 20.41
C GLU C 115 3.98 1.99 19.73
N VAL C 116 3.54 3.16 20.18
CA VAL C 116 2.39 3.85 19.58
C VAL C 116 2.83 4.61 18.32
N TRP C 117 2.00 4.53 17.27
CA TRP C 117 2.19 5.26 16.02
C TRP C 117 0.99 6.15 15.70
N GLY C 118 1.26 7.35 15.18
CA GLY C 118 0.18 8.20 14.67
C GLY C 118 -0.24 7.82 13.25
N GLN C 119 -1.17 8.60 12.68
CA GLN C 119 -1.67 8.28 11.34
C GLN C 119 -0.91 9.00 10.24
N GLY C 120 -0.31 10.14 10.58
CA GLY C 120 0.51 10.88 9.62
C GLY C 120 -0.11 12.19 9.20
N THR C 121 0.73 13.18 8.92
CA THR C 121 0.26 14.43 8.30
C THR C 121 1.13 14.68 7.06
N GLN C 122 0.49 15.09 5.96
CA GLN C 122 1.20 15.27 4.70
C GLN C 122 1.96 16.59 4.65
N VAL C 123 3.24 16.50 4.30
CA VAL C 123 4.04 17.69 4.00
C VAL C 123 4.47 17.67 2.52
N THR C 124 4.09 18.70 1.79
CA THR C 124 4.42 18.76 0.38
C THR C 124 5.12 20.07 0.09
N VAL C 125 6.36 19.97 -0.40
CA VAL C 125 7.14 21.16 -0.72
C VAL C 125 7.20 21.38 -2.23
N SER C 126 6.67 22.51 -2.68
CA SER C 126 6.73 22.84 -4.11
C SER C 126 7.80 23.89 -4.41
N SER C 127 8.65 23.60 -5.39
CA SER C 127 9.63 24.60 -5.81
C SER C 127 8.94 25.61 -6.71
N ALA C 128 7.93 25.15 -7.44
CA ALA C 128 7.14 26.00 -8.33
C ALA C 128 6.41 27.11 -7.54
N GLN D 1 21.77 -7.05 -14.02
CA GLN D 1 20.87 -6.67 -12.92
C GLN D 1 20.73 -7.82 -11.93
N VAL D 2 21.18 -7.60 -10.70
CA VAL D 2 21.01 -8.61 -9.68
C VAL D 2 19.54 -8.66 -9.26
N GLN D 3 18.98 -9.87 -9.23
CA GLN D 3 17.64 -10.00 -8.67
C GLN D 3 17.30 -11.40 -8.22
N LEU D 4 16.19 -11.46 -7.49
CA LEU D 4 15.65 -12.70 -6.96
C LEU D 4 14.20 -12.85 -7.39
N GLN D 5 13.80 -14.08 -7.72
CA GLN D 5 12.41 -14.33 -8.08
C GLN D 5 11.86 -15.55 -7.36
N GLU D 6 10.79 -15.34 -6.61
CA GLU D 6 10.12 -16.41 -5.90
C GLU D 6 9.08 -17.07 -6.78
N SER D 7 8.91 -18.38 -6.63
CA SER D 7 7.82 -19.08 -7.30
C SER D 7 7.36 -20.25 -6.45
N GLY D 8 6.28 -20.89 -6.88
CA GLY D 8 5.84 -22.13 -6.25
C GLY D 8 4.76 -21.96 -5.21
N GLY D 9 4.36 -20.72 -4.96
CA GLY D 9 3.27 -20.46 -4.04
C GLY D 9 1.93 -20.92 -4.59
N GLY D 10 0.89 -20.88 -3.77
CA GLY D 10 -0.42 -21.34 -4.23
C GLY D 10 -1.49 -21.36 -3.15
N LEU D 11 -2.71 -21.71 -3.54
CA LEU D 11 -3.78 -21.94 -2.58
C LEU D 11 -3.79 -23.42 -2.24
N VAL D 12 -3.74 -23.75 -0.96
CA VAL D 12 -3.63 -25.14 -0.54
C VAL D 12 -4.49 -25.37 0.70
N GLN D 13 -4.94 -26.60 0.91
CA GLN D 13 -5.70 -26.94 2.11
C GLN D 13 -4.80 -27.03 3.32
N ALA D 14 -5.32 -26.65 4.48
CA ALA D 14 -4.61 -26.84 5.74
C ALA D 14 -4.13 -28.30 5.85
N GLY D 15 -2.92 -28.47 6.35
CA GLY D 15 -2.30 -29.79 6.42
C GLY D 15 -1.56 -30.12 5.15
N GLY D 16 -1.72 -29.26 4.14
CA GLY D 16 -1.04 -29.44 2.87
C GLY D 16 0.44 -29.08 2.86
N SER D 17 1.06 -29.19 1.68
CA SER D 17 2.48 -28.92 1.49
C SER D 17 2.70 -28.03 0.29
N LEU D 18 3.75 -27.21 0.34
CA LEU D 18 4.22 -26.50 -0.84
C LEU D 18 5.74 -26.47 -0.82
N ARG D 19 6.38 -26.34 -1.97
CA ARG D 19 7.79 -25.99 -1.97
C ARG D 19 8.00 -24.71 -2.77
N LEU D 20 8.47 -23.66 -2.08
CA LEU D 20 8.80 -22.41 -2.74
C LEU D 20 10.23 -22.44 -3.30
N SER D 21 10.42 -21.76 -4.43
CA SER D 21 11.75 -21.56 -5.00
C SER D 21 12.11 -20.08 -5.01
N CYS D 22 13.40 -19.83 -4.83
CA CYS D 22 13.95 -18.49 -4.88
C CYS D 22 15.15 -18.53 -5.83
N ALA D 23 14.93 -18.04 -7.05
CA ALA D 23 15.90 -18.14 -8.13
C ALA D 23 16.62 -16.82 -8.34
N ALA D 24 17.95 -16.87 -8.33
CA ALA D 24 18.74 -15.67 -8.57
C ALA D 24 19.02 -15.51 -10.06
N SER D 25 19.03 -14.28 -10.53
CA SER D 25 19.53 -14.01 -11.87
C SER D 25 20.39 -12.75 -11.83
N GLY D 26 21.40 -12.69 -12.70
CA GLY D 26 22.31 -11.55 -12.74
C GLY D 26 23.45 -11.62 -11.73
N PHE D 27 23.41 -12.62 -10.85
CA PHE D 27 24.48 -12.87 -9.90
C PHE D 27 24.36 -14.28 -9.38
N THR D 28 25.44 -14.79 -8.79
CA THR D 28 25.41 -16.14 -8.24
C THR D 28 25.20 -16.09 -6.73
N LEU D 29 24.43 -17.04 -6.20
CA LEU D 29 24.15 -17.08 -4.76
C LEU D 29 25.34 -17.52 -3.93
N ASP D 30 26.38 -17.97 -4.61
CA ASP D 30 27.60 -18.47 -3.94
C ASP D 30 28.22 -17.44 -3.01
N SER D 31 28.51 -17.91 -1.80
CA SER D 31 29.10 -17.14 -0.69
C SER D 31 28.08 -16.24 0.02
N TYR D 32 26.82 -16.29 -0.41
CA TYR D 32 25.80 -15.45 0.23
C TYR D 32 24.80 -16.26 1.05
N ALA D 33 24.47 -15.74 2.23
CA ALA D 33 23.39 -16.31 3.03
C ALA D 33 22.04 -15.85 2.48
N ILE D 34 21.04 -16.73 2.52
CA ILE D 34 19.73 -16.41 1.97
C ILE D 34 18.68 -16.58 3.04
N GLY D 35 17.75 -15.63 3.11
CA GLY D 35 16.66 -15.73 4.07
C GLY D 35 15.29 -15.69 3.40
N TRP D 36 14.35 -16.40 3.99
CA TRP D 36 12.93 -16.28 3.68
C TRP D 36 12.24 -15.48 4.77
N PHE D 37 11.34 -14.60 4.30
CA PHE D 37 10.48 -13.72 5.08
C PHE D 37 9.06 -13.88 4.60
N ARG D 38 8.09 -13.39 5.38
CA ARG D 38 6.71 -13.42 4.94
C ARG D 38 5.93 -12.27 5.55
N GLN D 39 4.84 -11.89 4.89
CA GLN D 39 4.00 -10.80 5.36
C GLN D 39 2.53 -11.14 5.11
N ALA D 40 1.78 -11.29 6.19
CA ALA D 40 0.34 -11.58 6.14
C ALA D 40 -0.47 -10.27 6.13
N PRO D 41 -1.74 -10.33 5.70
CA PRO D 41 -2.55 -9.11 5.64
C PRO D 41 -2.61 -8.41 6.99
N GLY D 42 -2.37 -7.10 7.01
CA GLY D 42 -2.47 -6.33 8.23
C GLY D 42 -1.39 -6.62 9.27
N LYS D 43 -0.30 -7.27 8.86
CA LYS D 43 0.78 -7.57 9.78
C LYS D 43 2.12 -7.17 9.20
N GLU D 44 3.12 -7.01 10.08
CA GLU D 44 4.46 -6.59 9.64
C GLU D 44 5.22 -7.79 9.10
N ARG D 45 6.13 -7.51 8.16
CA ARG D 45 6.99 -8.54 7.58
C ARG D 45 7.68 -9.32 8.70
N GLU D 46 7.81 -10.62 8.52
CA GLU D 46 8.29 -11.52 9.57
C GLU D 46 9.39 -12.46 9.05
N GLY D 47 10.46 -12.65 9.83
CA GLY D 47 11.51 -13.59 9.44
C GLY D 47 10.99 -15.02 9.50
N VAL D 48 11.31 -15.83 8.51
CA VAL D 48 10.82 -17.21 8.49
C VAL D 48 11.94 -18.22 8.61
N SER D 49 12.99 -18.05 7.83
CA SER D 49 14.06 -19.03 7.85
C SER D 49 15.29 -18.45 7.19
N CYS D 50 16.47 -18.98 7.47
CA CYS D 50 17.64 -18.57 6.70
C CYS D 50 18.65 -19.69 6.60
N ILE D 51 19.55 -19.57 5.64
CA ILE D 51 20.58 -20.57 5.39
C ILE D 51 21.87 -19.86 5.05
N SER D 52 22.94 -20.27 5.73
CA SER D 52 24.26 -19.73 5.49
C SER D 52 24.74 -20.09 4.10
N ALA D 53 25.79 -19.40 3.65
CA ALA D 53 26.36 -19.62 2.32
C ALA D 53 26.73 -21.07 2.02
N SER D 54 27.32 -21.76 3.00
CA SER D 54 27.79 -23.14 2.82
C SER D 54 26.65 -24.13 2.96
N GLY D 55 25.55 -23.67 3.55
CA GLY D 55 24.43 -24.54 3.85
C GLY D 55 24.50 -25.17 5.24
N GLY D 56 25.65 -25.04 5.91
CA GLY D 56 25.90 -25.73 7.17
C GLY D 56 25.15 -25.19 8.37
N SER D 57 24.60 -23.98 8.25
CA SER D 57 23.82 -23.39 9.34
C SER D 57 22.47 -22.94 8.81
N THR D 58 21.41 -23.41 9.45
CA THR D 58 20.06 -23.00 9.11
C THR D 58 19.37 -22.50 10.35
N ASN D 59 18.43 -21.59 10.18
CA ASN D 59 17.65 -21.08 11.30
C ASN D 59 16.19 -20.96 10.93
N TYR D 60 15.33 -21.12 11.94
CA TYR D 60 13.88 -21.10 11.74
C TYR D 60 13.17 -20.30 12.82
N ALA D 61 12.17 -19.50 12.44
CA ALA D 61 11.22 -18.96 13.40
C ALA D 61 10.61 -20.13 14.20
N ASP D 62 10.33 -19.91 15.48
CA ASP D 62 9.78 -20.98 16.30
C ASP D 62 8.51 -21.58 15.72
N SER D 63 7.61 -20.73 15.20
CA SER D 63 6.33 -21.19 14.64
C SER D 63 6.43 -22.14 13.45
N VAL D 64 7.58 -22.22 12.78
CA VAL D 64 7.66 -23.10 11.62
C VAL D 64 8.70 -24.20 11.78
N LYS D 65 9.42 -24.18 12.91
CA LYS D 65 10.42 -25.20 13.22
C LYS D 65 9.88 -26.63 13.07
N GLY D 66 10.62 -27.47 12.35
CA GLY D 66 10.20 -28.85 12.13
C GLY D 66 9.22 -29.01 11.00
N ARG D 67 8.46 -27.96 10.69
CA ARG D 67 7.53 -27.99 9.57
C ARG D 67 8.19 -27.54 8.26
N PHE D 68 9.03 -26.51 8.32
CA PHE D 68 9.67 -25.99 7.11
C PHE D 68 11.12 -26.44 7.03
N THR D 69 11.61 -26.68 5.82
CA THR D 69 13.02 -26.96 5.59
C THR D 69 13.56 -26.05 4.51
N ILE D 70 14.58 -25.26 4.85
CA ILE D 70 15.23 -24.44 3.86
C ILE D 70 16.42 -25.20 3.27
N SER D 71 16.67 -25.01 1.99
CA SER D 71 17.81 -25.68 1.36
C SER D 71 18.32 -24.85 0.20
N ARG D 72 19.48 -25.23 -0.32
CA ARG D 72 20.03 -24.50 -1.44
C ARG D 72 20.70 -25.43 -2.46
N ASP D 73 20.71 -24.97 -3.70
CA ASP D 73 21.37 -25.64 -4.79
C ASP D 73 22.15 -24.58 -5.54
N ASN D 74 23.44 -24.52 -5.23
CA ASN D 74 24.32 -23.54 -5.82
C ASN D 74 24.44 -23.71 -7.33
N ALA D 75 24.45 -24.96 -7.80
CA ALA D 75 24.53 -25.22 -9.24
C ALA D 75 23.36 -24.58 -9.97
N LYS D 76 22.16 -24.75 -9.41
CA LYS D 76 20.96 -24.17 -10.01
C LYS D 76 20.73 -22.74 -9.55
N ASN D 77 21.60 -22.25 -8.67
CA ASN D 77 21.53 -20.88 -8.22
C ASN D 77 20.18 -20.59 -7.55
N THR D 78 19.70 -21.53 -6.74
CA THR D 78 18.33 -21.43 -6.23
C THR D 78 18.24 -21.89 -4.79
N VAL D 79 17.42 -21.25 -3.97
CA VAL D 79 17.15 -21.80 -2.63
C VAL D 79 15.68 -22.16 -2.50
N TYR D 80 15.37 -23.12 -1.65
CA TYR D 80 14.02 -23.64 -1.53
C TYR D 80 13.50 -23.54 -0.11
N LEU D 81 12.20 -23.45 0.00
CA LEU D 81 11.54 -23.61 1.29
C LEU D 81 10.47 -24.66 1.17
N GLN D 82 10.76 -25.86 1.67
CA GLN D 82 9.76 -26.89 1.83
C GLN D 82 8.86 -26.51 3.00
N MET D 83 7.56 -26.51 2.78
CA MET D 83 6.60 -26.14 3.81
C MET D 83 5.59 -27.26 3.99
N ASN D 84 5.66 -27.93 5.13
CA ASN D 84 4.77 -29.05 5.43
C ASN D 84 3.78 -28.67 6.51
N SER D 85 2.69 -29.43 6.59
CA SER D 85 1.68 -29.25 7.64
C SER D 85 1.23 -27.81 7.71
N LEU D 86 0.81 -27.25 6.57
CA LEU D 86 0.48 -25.83 6.50
C LEU D 86 -0.73 -25.48 7.33
N LYS D 87 -0.64 -24.34 7.99
CA LYS D 87 -1.71 -23.85 8.84
C LYS D 87 -2.18 -22.52 8.30
N SER D 88 -3.34 -22.07 8.78
CA SER D 88 -3.91 -20.81 8.29
C SER D 88 -2.99 -19.65 8.63
N GLU D 89 -2.22 -19.82 9.71
CA GLU D 89 -1.22 -18.84 10.13
C GLU D 89 -0.11 -18.63 9.11
N ASP D 90 0.00 -19.56 8.17
CA ASP D 90 1.08 -19.51 7.19
C ASP D 90 0.70 -18.65 5.97
N THR D 91 -0.56 -18.26 5.88
CA THR D 91 -1.03 -17.45 4.77
C THR D 91 -0.30 -16.12 4.74
N ALA D 92 0.38 -15.85 3.64
CA ALA D 92 1.21 -14.65 3.53
C ALA D 92 1.84 -14.53 2.16
N VAL D 93 2.32 -13.33 1.83
CA VAL D 93 3.24 -13.25 0.72
C VAL D 93 4.62 -13.63 1.25
N TYR D 94 5.30 -14.54 0.56
CA TYR D 94 6.65 -14.98 0.96
C TYR D 94 7.75 -14.37 0.08
N TYR D 95 8.75 -13.79 0.74
CA TYR D 95 9.88 -13.12 0.07
C TYR D 95 11.21 -13.77 0.41
N CYS D 96 12.10 -13.90 -0.56
CA CYS D 96 13.47 -14.27 -0.21
C CYS D 96 14.40 -13.08 -0.38
N ALA D 97 15.55 -13.16 0.29
CA ALA D 97 16.47 -12.06 0.43
C ALA D 97 17.90 -12.59 0.47
N ALA D 98 18.78 -11.96 -0.29
CA ALA D 98 20.17 -12.39 -0.33
C ALA D 98 21.05 -11.33 0.33
N ASP D 99 21.87 -11.78 1.27
CA ASP D 99 22.86 -10.92 1.94
C ASP D 99 22.32 -9.78 2.82
N HIS D 100 21.46 -10.13 3.76
CA HIS D 100 21.03 -9.21 4.80
C HIS D 100 21.79 -9.40 6.11
N PRO D 101 22.13 -8.28 6.77
CA PRO D 101 22.96 -8.11 7.98
C PRO D 101 22.88 -9.24 9.01
N GLY D 102 21.68 -9.56 9.50
CA GLY D 102 21.55 -10.54 10.57
C GLY D 102 21.17 -11.93 10.10
N LEU D 103 20.97 -12.03 8.80
CA LEU D 103 20.44 -13.24 8.18
C LEU D 103 21.46 -14.35 8.00
N CYS D 104 21.59 -15.23 8.99
CA CYS D 104 22.55 -16.36 8.95
C CYS D 104 23.93 -15.90 8.46
N THR D 105 24.35 -14.73 8.94
CA THR D 105 25.63 -14.14 8.59
C THR D 105 25.99 -13.00 9.54
N SER D 106 27.28 -12.65 9.60
CA SER D 106 27.73 -11.51 10.40
C SER D 106 29.19 -11.16 10.09
N ARG D 110 32.39 -4.62 8.55
CA ARG D 110 32.47 -3.26 8.03
C ARG D 110 32.21 -3.22 6.53
N ARG D 111 31.41 -4.17 6.05
CA ARG D 111 31.11 -4.26 4.63
C ARG D 111 29.73 -3.71 4.31
N ARG D 112 29.46 -3.54 3.02
CA ARG D 112 28.14 -3.19 2.53
C ARG D 112 27.42 -4.45 2.10
N TYR D 113 26.17 -4.61 2.53
CA TYR D 113 25.38 -5.78 2.19
C TYR D 113 24.60 -5.59 0.90
N LEU D 114 24.44 -6.68 0.15
CA LEU D 114 23.72 -6.61 -1.11
C LEU D 114 22.28 -6.21 -0.87
N GLU D 115 21.65 -6.84 0.12
CA GLU D 115 20.26 -6.59 0.47
C GLU D 115 19.33 -6.71 -0.76
N VAL D 116 19.47 -7.81 -1.50
CA VAL D 116 18.59 -8.08 -2.65
C VAL D 116 17.30 -8.72 -2.14
N TRP D 117 16.16 -8.19 -2.61
CA TRP D 117 14.85 -8.75 -2.27
C TRP D 117 14.12 -9.23 -3.53
N GLY D 118 13.37 -10.32 -3.40
CA GLY D 118 12.49 -10.74 -4.48
C GLY D 118 11.18 -9.97 -4.40
N GLN D 119 10.29 -10.23 -5.35
CA GLN D 119 9.01 -9.52 -5.38
C GLN D 119 7.92 -10.28 -4.61
N GLY D 120 8.13 -11.55 -4.32
CA GLY D 120 7.22 -12.27 -3.44
C GLY D 120 6.30 -13.23 -4.15
N THR D 121 5.93 -14.31 -3.46
CA THR D 121 4.98 -15.28 -4.01
C THR D 121 3.90 -15.55 -2.97
N GLN D 122 2.65 -15.58 -3.39
CA GLN D 122 1.54 -15.72 -2.46
C GLN D 122 1.34 -17.17 -2.02
N VAL D 123 1.21 -17.35 -0.71
CA VAL D 123 0.79 -18.63 -0.15
C VAL D 123 -0.51 -18.43 0.62
N THR D 124 -1.53 -19.20 0.25
CA THR D 124 -2.85 -19.05 0.87
C THR D 124 -3.33 -20.41 1.37
N VAL D 125 -3.58 -20.50 2.66
CA VAL D 125 -4.00 -21.75 3.28
C VAL D 125 -5.47 -21.69 3.66
N SER D 126 -6.28 -22.54 3.05
CA SER D 126 -7.72 -22.62 3.34
C SER D 126 -8.02 -23.66 4.41
N SER D 127 -8.94 -23.30 5.32
CA SER D 127 -9.36 -24.21 6.39
C SER D 127 -10.49 -25.12 5.90
S SO4 E . -17.71 24.16 -18.70
O1 SO4 E . -17.63 23.08 -19.71
O2 SO4 E . -18.74 25.12 -19.07
O3 SO4 E . -18.04 23.60 -17.40
O4 SO4 E . -16.43 24.86 -18.64
S SO4 F . -26.42 -16.28 -16.95
O1 SO4 F . -27.46 -16.85 -17.81
O2 SO4 F . -26.15 -14.91 -17.37
O3 SO4 F . -26.90 -16.30 -15.56
O4 SO4 F . -25.20 -17.07 -17.08
CL CL G . -21.04 -14.21 -3.60
S SO4 H . 17.58 12.88 29.66
O1 SO4 H . 17.43 11.46 29.35
O2 SO4 H . 16.31 13.55 29.39
O3 SO4 H . 17.92 13.08 31.07
O4 SO4 H . 18.63 13.45 28.82
CL CL I . 16.39 10.33 14.97
S SO4 J . 28.71 -22.77 8.49
O1 SO4 J . 29.37 -22.34 7.27
O2 SO4 J . 27.32 -22.25 8.55
O3 SO4 J . 29.48 -22.23 9.62
O4 SO4 J . 28.80 -24.22 8.42
CL CL K . 15.34 -16.46 10.76
CL CL L . 28.83 -20.13 5.79
#